data_1QZ0
#
_entry.id   1QZ0
#
_cell.length_a   47.292
_cell.length_b   53.450
_cell.length_c   69.066
_cell.angle_alpha   109.61
_cell.angle_beta   104.75
_cell.angle_gamma   89.98
#
_symmetry.space_group_name_H-M   'P 1'
#
loop_
_entity.id
_entity.type
_entity.pdbx_description
1 polymer 'Protein-tyrosine phosphatase yopH'
2 polymer ASP-ALA-ASP-GLU-FTY-LEU-NH2
3 water water
#
loop_
_entity_poly.entity_id
_entity_poly.type
_entity_poly.pdbx_seq_one_letter_code
_entity_poly.pdbx_strand_id
1 'polypeptide(L)'
;MRERPHTSGHHGAGEARATAPSTVSPYGPEARAELSSRLTTLRNTLAPATNDPRYLQACGGEKLNRFRDIQCRRQTAVRA
DLNANYIQVGNTRTIACQYPLQSQLESHFRMLAENRTPVLAVLASSSEIANQRFGMPDYFRQSGTYGSITVESKMTQQVG
LGDGIMADMYTLTIREAGQKTISVPVVHVGNWPDQTAVSSEVTKALASLVDQTAETKRNMYESKGSSAVADDSKLRPVIH
CRAGVGRTAQLIGAMCMNDSRNSQLSVEDMVSQMRVQRNGIMVQKDEQLDVLIKLAEGQGRPLLNS
;
A,B
2 'polypeptide(L)' DADE(FTY)L(NH2) C,D,E,F
#
loop_
_chem_comp.id
_chem_comp.type
_chem_comp.name
_chem_comp.formula
NH2 non-polymer 'AMINO GROUP' 'H2 N'
#
# COMPACT_ATOMS: atom_id res chain seq x y z
N SER A 25 -29.91 -34.26 33.10
CA SER A 25 -29.88 -32.77 32.93
C SER A 25 -29.44 -32.40 31.51
N PRO A 26 -30.13 -31.42 30.91
CA PRO A 26 -29.82 -30.96 29.55
C PRO A 26 -28.48 -30.24 29.50
N TYR A 27 -27.92 -29.94 30.68
CA TYR A 27 -26.64 -29.25 30.79
C TYR A 27 -25.65 -30.07 31.62
N GLY A 28 -25.96 -31.35 31.79
CA GLY A 28 -25.11 -32.24 32.57
C GLY A 28 -23.89 -32.74 31.80
N PRO A 29 -23.07 -33.60 32.42
CA PRO A 29 -21.88 -34.14 31.76
C PRO A 29 -22.18 -35.03 30.55
N GLU A 30 -23.34 -35.70 30.56
CA GLU A 30 -23.72 -36.55 29.44
C GLU A 30 -23.97 -35.71 28.20
N ALA A 31 -24.77 -34.66 28.35
CA ALA A 31 -25.09 -33.78 27.24
C ALA A 31 -23.84 -33.07 26.72
N ARG A 32 -22.99 -32.61 27.64
CA ARG A 32 -21.76 -31.91 27.28
C ARG A 32 -20.83 -32.83 26.49
N ALA A 33 -20.80 -34.11 26.87
CA ALA A 33 -19.96 -35.08 26.19
C ALA A 33 -20.50 -35.32 24.77
N GLU A 34 -21.82 -35.41 24.64
CA GLU A 34 -22.42 -35.65 23.33
C GLU A 34 -22.17 -34.46 22.40
N LEU A 35 -22.28 -33.25 22.94
CA LEU A 35 -22.04 -32.04 22.16
C LEU A 35 -20.61 -32.04 21.66
N SER A 36 -19.67 -32.34 22.55
CA SER A 36 -18.26 -32.38 22.17
C SER A 36 -18.03 -33.42 21.08
N SER A 37 -18.69 -34.56 21.21
CA SER A 37 -18.58 -35.66 20.24
C SER A 37 -18.98 -35.21 18.84
N ARG A 38 -20.15 -34.58 18.73
CA ARG A 38 -20.62 -34.12 17.44
C ARG A 38 -19.68 -33.06 16.87
N LEU A 39 -19.28 -32.09 17.69
CA LEU A 39 -18.40 -31.03 17.21
C LEU A 39 -17.02 -31.54 16.77
N THR A 40 -16.49 -32.52 17.49
CA THR A 40 -15.18 -33.08 17.15
C THR A 40 -15.24 -33.72 15.77
N THR A 41 -16.32 -34.45 15.50
CA THR A 41 -16.49 -35.09 14.21
C THR A 41 -16.52 -34.05 13.10
N LEU A 42 -17.24 -32.96 13.32
CA LEU A 42 -17.35 -31.91 12.32
C LEU A 42 -15.99 -31.26 12.01
N ARG A 43 -15.19 -31.02 13.03
CA ARG A 43 -13.88 -30.40 12.82
C ARG A 43 -13.02 -31.27 11.92
N ASN A 44 -13.03 -32.58 12.15
CA ASN A 44 -12.22 -33.47 11.33
C ASN A 44 -12.68 -33.50 9.88
N THR A 45 -13.98 -33.54 9.67
CA THR A 45 -14.53 -33.56 8.32
C THR A 45 -14.19 -32.27 7.57
N LEU A 46 -14.12 -31.16 8.29
CA LEU A 46 -13.83 -29.86 7.70
C LEU A 46 -12.34 -29.57 7.55
N ALA A 47 -11.50 -30.50 7.97
CA ALA A 47 -10.05 -30.34 7.87
C ALA A 47 -9.70 -30.03 6.41
N PRO A 48 -8.86 -29.01 6.19
CA PRO A 48 -8.44 -28.61 4.84
C PRO A 48 -7.46 -29.56 4.17
N ALA A 49 -7.73 -29.88 2.91
CA ALA A 49 -6.86 -30.76 2.14
C ALA A 49 -6.11 -29.91 1.12
N THR A 50 -5.22 -30.55 0.36
CA THR A 50 -4.43 -29.86 -0.65
C THR A 50 -5.34 -29.33 -1.77
N ASN A 51 -5.28 -28.03 -2.00
CA ASN A 51 -6.08 -27.38 -3.03
C ASN A 51 -7.55 -27.75 -2.86
N ASP A 52 -8.00 -27.75 -1.61
CA ASP A 52 -9.39 -28.09 -1.29
C ASP A 52 -10.35 -27.13 -1.98
N PRO A 53 -11.33 -27.67 -2.72
CA PRO A 53 -12.32 -26.85 -3.43
C PRO A 53 -13.22 -26.07 -2.46
N ARG A 54 -13.27 -26.53 -1.22
CA ARG A 54 -14.11 -25.90 -0.21
C ARG A 54 -13.46 -24.66 0.40
N TYR A 55 -12.16 -24.51 0.20
CA TYR A 55 -11.43 -23.37 0.76
C TYR A 55 -10.77 -22.46 -0.27
N LEU A 56 -10.75 -21.17 0.06
CA LEU A 56 -10.16 -20.16 -0.81
C LEU A 56 -8.66 -20.41 -0.94
N GLN A 57 -8.17 -20.40 -2.17
CA GLN A 57 -6.75 -20.63 -2.43
C GLN A 57 -6.04 -19.33 -2.81
N ALA A 58 -4.78 -19.19 -2.41
CA ALA A 58 -4.00 -18.00 -2.71
C ALA A 58 -4.00 -17.77 -4.21
N CYS A 59 -4.33 -16.55 -4.63
CA CYS A 59 -4.40 -16.21 -6.05
C CYS A 59 -3.00 -16.03 -6.65
N GLY A 60 -2.06 -16.83 -6.18
CA GLY A 60 -0.70 -16.76 -6.67
C GLY A 60 0.02 -15.49 -6.27
N GLY A 61 1.22 -15.65 -5.70
CA GLY A 61 1.99 -14.50 -5.28
C GLY A 61 2.04 -14.31 -3.77
N GLU A 62 1.42 -13.23 -3.30
CA GLU A 62 1.39 -12.91 -1.88
C GLU A 62 0.67 -13.96 -1.06
N LYS A 63 0.94 -13.96 0.24
CA LYS A 63 0.32 -14.90 1.16
C LYS A 63 -1.12 -14.48 1.44
N LEU A 64 -2.00 -15.47 1.57
CA LEU A 64 -3.41 -15.21 1.84
C LEU A 64 -3.72 -15.56 3.29
N ASN A 65 -3.33 -16.76 3.72
CA ASN A 65 -3.59 -17.20 5.07
C ASN A 65 -2.47 -16.84 6.05
N ARG A 66 -2.84 -16.26 7.18
CA ARG A 66 -1.86 -15.90 8.22
C ARG A 66 -1.29 -17.20 8.80
N PHE A 67 -2.12 -18.24 8.81
CA PHE A 67 -1.74 -19.58 9.32
C PHE A 67 -2.20 -20.61 8.29
N ARG A 68 -1.32 -21.54 7.91
CA ARG A 68 -1.69 -22.53 6.91
C ARG A 68 -2.75 -23.51 7.38
N ASP A 69 -2.99 -23.55 8.69
CA ASP A 69 -3.98 -24.45 9.25
C ASP A 69 -5.33 -23.79 9.53
N ILE A 70 -5.44 -22.50 9.19
CA ILE A 70 -6.67 -21.72 9.39
C ILE A 70 -7.11 -21.19 8.03
N GLN A 71 -7.96 -21.95 7.34
CA GLN A 71 -8.43 -21.58 6.00
C GLN A 71 -9.77 -20.83 5.96
N CYS A 72 -10.06 -20.26 4.79
CA CYS A 72 -11.27 -19.47 4.57
C CYS A 72 -12.27 -20.18 3.64
N ARG A 73 -13.46 -20.46 4.14
CA ARG A 73 -14.49 -21.13 3.33
C ARG A 73 -14.71 -20.34 2.03
N ARG A 74 -14.50 -20.99 0.89
CA ARG A 74 -14.65 -20.33 -0.40
C ARG A 74 -16.04 -19.79 -0.71
N GLN A 75 -17.06 -20.63 -0.53
CA GLN A 75 -18.43 -20.22 -0.84
C GLN A 75 -18.95 -19.02 -0.04
N THR A 76 -18.37 -18.74 1.12
CA THR A 76 -18.81 -17.62 1.94
C THR A 76 -17.75 -16.53 2.06
N ALA A 77 -16.70 -16.63 1.26
CA ALA A 77 -15.62 -15.65 1.31
C ALA A 77 -16.11 -14.26 0.91
N VAL A 78 -15.61 -13.25 1.59
CA VAL A 78 -16.01 -11.87 1.31
C VAL A 78 -15.22 -11.33 0.13
N ARG A 79 -13.92 -11.60 0.12
CA ARG A 79 -13.02 -11.16 -0.95
C ARG A 79 -12.03 -12.25 -1.31
N ALA A 80 -11.65 -12.28 -2.58
CA ALA A 80 -10.70 -13.28 -3.09
C ALA A 80 -9.29 -13.13 -2.52
N ASP A 81 -8.96 -11.94 -2.02
CA ASP A 81 -7.64 -11.71 -1.47
C ASP A 81 -7.63 -11.47 0.04
N LEU A 82 -8.67 -11.92 0.72
CA LEU A 82 -8.76 -11.78 2.18
C LEU A 82 -9.21 -13.10 2.79
N ASN A 83 -8.76 -13.35 4.03
CA ASN A 83 -9.17 -14.55 4.77
C ASN A 83 -10.25 -13.95 5.68
N ALA A 84 -11.49 -14.03 5.21
CA ALA A 84 -12.66 -13.48 5.90
C ALA A 84 -13.91 -14.14 5.34
N ASN A 85 -14.90 -14.37 6.19
CA ASN A 85 -16.14 -15.02 5.76
C ASN A 85 -17.42 -14.40 6.27
N TYR A 86 -18.45 -14.49 5.43
CA TYR A 86 -19.78 -14.05 5.81
C TYR A 86 -20.27 -15.19 6.69
N ILE A 87 -20.87 -14.88 7.84
CA ILE A 87 -21.40 -15.91 8.72
C ILE A 87 -22.79 -15.53 9.22
N GLN A 88 -23.73 -16.47 9.12
CA GLN A 88 -25.06 -16.20 9.64
C GLN A 88 -25.38 -17.32 10.63
N VAL A 89 -25.61 -16.93 11.89
CA VAL A 89 -25.93 -17.88 12.96
C VAL A 89 -27.38 -17.61 13.30
N GLY A 90 -28.25 -18.51 12.86
CA GLY A 90 -29.68 -18.29 13.09
C GLY A 90 -30.05 -17.15 12.17
N ASN A 91 -30.42 -16.01 12.76
CA ASN A 91 -30.80 -14.81 12.01
C ASN A 91 -29.66 -13.76 12.09
N THR A 92 -28.65 -14.03 12.91
CA THR A 92 -27.56 -13.06 13.11
C THR A 92 -26.49 -13.05 12.01
N ARG A 93 -26.38 -11.92 11.31
CA ARG A 93 -25.41 -11.79 10.22
C ARG A 93 -24.15 -11.02 10.61
N THR A 94 -23.00 -11.63 10.38
CA THR A 94 -21.72 -11.00 10.69
C THR A 94 -20.68 -11.39 9.67
N ILE A 95 -19.45 -10.92 9.91
CA ILE A 95 -18.28 -11.24 9.10
C ILE A 95 -17.18 -11.54 10.12
N ALA A 96 -16.50 -12.67 9.93
CA ALA A 96 -15.41 -13.10 10.79
C ALA A 96 -14.17 -13.21 9.93
N CYS A 97 -13.04 -12.68 10.40
CA CYS A 97 -11.81 -12.74 9.62
C CYS A 97 -10.55 -12.89 10.46
N GLN A 98 -9.41 -13.07 9.80
CA GLN A 98 -8.14 -13.16 10.52
C GLN A 98 -7.68 -11.72 10.68
N TYR A 99 -6.64 -11.50 11.48
CA TYR A 99 -6.10 -10.15 11.63
C TYR A 99 -5.44 -9.92 10.26
N PRO A 100 -5.79 -8.82 9.58
CA PRO A 100 -5.17 -8.59 8.27
C PRO A 100 -3.65 -8.49 8.22
N LEU A 101 -3.06 -9.07 7.17
CA LEU A 101 -1.63 -9.01 6.98
C LEU A 101 -1.34 -7.62 6.43
N GLN A 102 -0.11 -7.18 6.58
CA GLN A 102 0.29 -5.86 6.08
C GLN A 102 -0.16 -5.64 4.64
N SER A 103 0.13 -6.61 3.78
CA SER A 103 -0.20 -6.50 2.36
C SER A 103 -1.70 -6.55 2.05
N GLN A 104 -2.50 -6.89 3.06
CA GLN A 104 -3.95 -6.97 2.86
C GLN A 104 -4.70 -5.75 3.41
N LEU A 105 -4.00 -4.82 4.05
CA LEU A 105 -4.67 -3.66 4.61
C LEU A 105 -5.50 -2.83 3.64
N GLU A 106 -4.97 -2.52 2.46
CA GLU A 106 -5.76 -1.73 1.51
C GLU A 106 -7.09 -2.41 1.19
N SER A 107 -7.04 -3.71 0.93
CA SER A 107 -8.25 -4.47 0.62
C SER A 107 -9.17 -4.54 1.84
N HIS A 108 -8.57 -4.66 3.03
CA HIS A 108 -9.33 -4.73 4.27
C HIS A 108 -10.14 -3.44 4.44
N PHE A 109 -9.49 -2.28 4.26
CA PHE A 109 -10.17 -1.00 4.40
C PHE A 109 -11.28 -0.81 3.36
N ARG A 110 -11.02 -1.23 2.13
CA ARG A 110 -12.03 -1.10 1.09
C ARG A 110 -13.23 -1.96 1.47
N MET A 111 -12.97 -3.17 1.97
CA MET A 111 -14.05 -4.07 2.40
C MET A 111 -14.86 -3.37 3.50
N LEU A 112 -14.18 -2.81 4.47
CA LEU A 112 -14.86 -2.12 5.58
C LEU A 112 -15.73 -0.96 5.09
N ALA A 113 -15.23 -0.18 4.14
CA ALA A 113 -15.98 0.94 3.62
C ALA A 113 -17.20 0.50 2.79
N GLU A 114 -17.00 -0.42 1.86
CA GLU A 114 -18.10 -0.88 1.02
C GLU A 114 -19.21 -1.58 1.82
N ASN A 115 -18.85 -2.24 2.91
CA ASN A 115 -19.79 -2.94 3.79
C ASN A 115 -20.58 -1.95 4.65
N ARG A 116 -20.17 -0.68 4.67
CA ARG A 116 -20.86 0.32 5.49
C ARG A 116 -20.84 -0.26 6.90
N THR A 117 -19.69 -0.81 7.28
CA THR A 117 -19.51 -1.46 8.58
C THR A 117 -20.04 -0.69 9.77
N PRO A 118 -21.03 -1.27 10.47
CA PRO A 118 -21.64 -0.61 11.63
C PRO A 118 -20.78 -0.71 12.90
N VAL A 119 -19.83 -1.65 12.91
CA VAL A 119 -18.92 -1.82 14.04
C VAL A 119 -17.85 -2.85 13.70
N LEU A 120 -16.62 -2.53 14.09
CA LEU A 120 -15.47 -3.42 13.90
C LEU A 120 -14.98 -3.75 15.31
N ALA A 121 -15.05 -5.04 15.67
CA ALA A 121 -14.60 -5.49 16.99
C ALA A 121 -13.26 -6.20 16.87
N VAL A 122 -12.22 -5.66 17.49
CA VAL A 122 -10.89 -6.25 17.45
C VAL A 122 -10.61 -6.84 18.82
N LEU A 123 -10.34 -8.14 18.87
CA LEU A 123 -10.09 -8.82 20.13
C LEU A 123 -8.64 -9.26 20.31
N ALA A 124 -7.76 -8.80 19.42
CA ALA A 124 -6.34 -9.12 19.54
C ALA A 124 -5.76 -8.24 20.64
N SER A 125 -4.85 -8.78 21.44
CA SER A 125 -4.25 -8.02 22.54
C SER A 125 -3.21 -7.02 22.07
N SER A 126 -3.00 -5.99 22.88
CA SER A 126 -2.01 -4.98 22.55
C SER A 126 -0.63 -5.65 22.53
N SER A 127 -0.45 -6.69 23.34
CA SER A 127 0.83 -7.40 23.37
C SER A 127 1.11 -8.09 22.05
N GLU A 128 0.08 -8.71 21.47
CA GLU A 128 0.23 -9.39 20.19
C GLU A 128 0.55 -8.37 19.09
N ILE A 129 -0.22 -7.28 19.07
CA ILE A 129 -0.05 -6.23 18.08
C ILE A 129 1.34 -5.59 18.17
N ALA A 130 1.87 -5.49 19.38
CA ALA A 130 3.19 -4.90 19.60
C ALA A 130 4.33 -5.86 19.24
N ASN A 131 4.04 -7.15 19.18
CA ASN A 131 5.05 -8.15 18.85
C ASN A 131 5.32 -8.11 17.34
N GLN A 132 6.45 -7.52 16.95
CA GLN A 132 6.76 -7.42 15.52
C GLN A 132 6.85 -8.74 14.79
N ARG A 133 7.27 -9.80 15.49
CA ARG A 133 7.38 -11.11 14.86
C ARG A 133 6.01 -11.66 14.43
N PHE A 134 4.94 -11.13 15.03
CA PHE A 134 3.59 -11.61 14.71
C PHE A 134 2.98 -10.97 13.46
N GLY A 135 3.59 -9.90 12.97
CA GLY A 135 3.08 -9.23 11.79
C GLY A 135 1.62 -8.78 11.85
N MET A 136 1.26 -8.13 12.96
CA MET A 136 -0.10 -7.64 13.16
C MET A 136 -0.02 -6.11 13.23
N PRO A 137 -0.19 -5.43 12.08
CA PRO A 137 -0.12 -3.97 12.03
C PRO A 137 -1.17 -3.24 12.83
N ASP A 138 -0.75 -2.19 13.54
CA ASP A 138 -1.68 -1.39 14.33
C ASP A 138 -2.33 -0.42 13.36
N TYR A 139 -3.36 -0.90 12.67
CA TYR A 139 -4.05 -0.13 11.66
C TYR A 139 -5.24 0.71 12.12
N PHE A 140 -5.66 0.54 13.37
CA PHE A 140 -6.83 1.28 13.86
C PHE A 140 -6.58 2.29 14.98
N ARG A 141 -5.42 2.25 15.61
CA ARG A 141 -5.12 3.19 16.69
C ARG A 141 -4.26 4.37 16.22
N GLN A 142 -3.96 4.40 14.92
CA GLN A 142 -3.18 5.48 14.36
C GLN A 142 -3.65 5.76 12.94
N SER A 143 -3.38 6.94 12.44
CA SER A 143 -3.78 7.30 11.09
C SER A 143 -2.71 6.80 10.12
N GLY A 144 -3.05 6.72 8.85
CA GLY A 144 -2.07 6.25 7.88
C GLY A 144 -2.55 6.20 6.45
N THR A 145 -1.63 5.87 5.55
CA THR A 145 -1.93 5.78 4.13
C THR A 145 -1.62 4.35 3.69
N TYR A 146 -2.55 3.76 2.95
CA TYR A 146 -2.41 2.39 2.46
C TYR A 146 -2.81 2.36 0.98
N GLY A 147 -1.83 2.54 0.11
CA GLY A 147 -2.14 2.56 -1.31
C GLY A 147 -2.92 3.84 -1.61
N SER A 148 -4.08 3.70 -2.24
CA SER A 148 -4.90 4.87 -2.57
C SER A 148 -5.85 5.26 -1.44
N ILE A 149 -5.78 4.54 -0.32
CA ILE A 149 -6.66 4.82 0.81
C ILE A 149 -5.97 5.52 1.97
N THR A 150 -6.62 6.55 2.52
CA THR A 150 -6.09 7.28 3.66
C THR A 150 -7.05 7.08 4.82
N VAL A 151 -6.49 6.78 6.00
CA VAL A 151 -7.30 6.53 7.19
C VAL A 151 -6.96 7.43 8.37
N GLU A 152 -8.00 7.94 9.03
CA GLU A 152 -7.85 8.80 10.18
C GLU A 152 -8.43 8.08 11.40
N SER A 153 -7.66 8.00 12.48
CA SER A 153 -8.13 7.36 13.71
C SER A 153 -8.38 8.40 14.80
N LYS A 154 -9.51 8.28 15.48
CA LYS A 154 -9.88 9.21 16.54
C LYS A 154 -10.38 8.39 17.74
N MET A 155 -9.94 8.74 18.94
CA MET A 155 -10.38 8.03 20.12
C MET A 155 -11.75 8.52 20.57
N THR A 156 -12.61 7.61 21.02
CA THR A 156 -13.92 8.03 21.51
C THR A 156 -14.08 7.58 22.97
N GLN A 157 -15.12 6.81 23.28
CA GLN A 157 -15.37 6.38 24.65
C GLN A 157 -14.63 5.11 25.09
N GLN A 158 -14.67 4.84 26.39
CA GLN A 158 -14.06 3.66 26.98
C GLN A 158 -15.11 3.02 27.87
N VAL A 159 -15.37 1.73 27.67
CA VAL A 159 -16.38 1.03 28.47
C VAL A 159 -15.82 -0.18 29.21
N GLY A 160 -15.98 -0.20 30.54
CA GLY A 160 -15.51 -1.32 31.33
C GLY A 160 -16.44 -2.51 31.13
N LEU A 161 -15.88 -3.71 30.97
CA LEU A 161 -16.70 -4.91 30.76
C LEU A 161 -16.74 -5.84 31.97
N GLY A 162 -15.94 -5.50 32.99
CA GLY A 162 -15.87 -6.31 34.19
C GLY A 162 -14.55 -7.06 34.27
N ASP A 163 -14.16 -7.49 35.47
CA ASP A 163 -12.91 -8.22 35.67
C ASP A 163 -11.71 -7.45 35.14
N GLY A 164 -11.81 -6.12 35.10
CA GLY A 164 -10.71 -5.31 34.61
C GLY A 164 -10.60 -5.25 33.09
N ILE A 165 -11.41 -6.04 32.40
CA ILE A 165 -11.38 -6.06 30.93
C ILE A 165 -11.96 -4.73 30.42
N MET A 166 -11.20 -4.04 29.59
CA MET A 166 -11.64 -2.75 29.06
C MET A 166 -11.90 -2.76 27.55
N ALA A 167 -12.91 -2.01 27.14
CA ALA A 167 -13.22 -1.89 25.72
C ALA A 167 -12.90 -0.45 25.33
N ASP A 168 -11.86 -0.27 24.51
CA ASP A 168 -11.44 1.05 24.05
C ASP A 168 -12.06 1.28 22.69
N MET A 169 -12.77 2.40 22.52
CA MET A 169 -13.43 2.67 21.25
C MET A 169 -12.78 3.77 20.42
N TYR A 170 -12.93 3.66 19.11
CA TYR A 170 -12.36 4.61 18.18
C TYR A 170 -13.29 4.76 17.00
N THR A 171 -12.94 5.71 16.14
CA THR A 171 -13.67 5.94 14.91
C THR A 171 -12.58 5.97 13.84
N LEU A 172 -12.78 5.21 12.76
CA LEU A 172 -11.84 5.16 11.65
C LEU A 172 -12.50 5.76 10.42
N THR A 173 -11.95 6.87 9.92
CA THR A 173 -12.52 7.52 8.75
C THR A 173 -11.66 7.14 7.54
N ILE A 174 -12.31 6.43 6.61
CA ILE A 174 -11.67 5.91 5.40
C ILE A 174 -11.96 6.76 4.17
N ARG A 175 -10.91 7.33 3.57
CA ARG A 175 -11.07 8.17 2.39
C ARG A 175 -10.35 7.59 1.17
N GLU A 176 -11.00 7.69 0.01
CA GLU A 176 -10.42 7.19 -1.24
C GLU A 176 -10.99 7.98 -2.43
N ALA A 177 -10.11 8.48 -3.30
CA ALA A 177 -10.56 9.26 -4.45
C ALA A 177 -11.62 8.51 -5.26
N GLY A 178 -12.75 9.17 -5.51
CA GLY A 178 -13.81 8.57 -6.29
C GLY A 178 -14.78 7.70 -5.50
N GLN A 179 -14.52 7.55 -4.20
CA GLN A 179 -15.38 6.75 -3.34
C GLN A 179 -15.98 7.61 -2.22
N LYS A 180 -17.10 7.16 -1.66
CA LYS A 180 -17.74 7.89 -0.56
C LYS A 180 -16.88 7.68 0.69
N THR A 181 -16.69 8.73 1.47
CA THR A 181 -15.91 8.63 2.72
C THR A 181 -16.77 7.93 3.76
N ILE A 182 -16.18 6.94 4.43
CA ILE A 182 -16.91 6.15 5.43
C ILE A 182 -16.20 6.12 6.78
N SER A 183 -16.96 6.32 7.86
CA SER A 183 -16.39 6.25 9.20
C SER A 183 -16.89 4.96 9.84
N VAL A 184 -15.99 4.24 10.49
CA VAL A 184 -16.32 2.97 11.11
C VAL A 184 -16.07 2.96 12.63
N PRO A 185 -17.09 2.60 13.42
CA PRO A 185 -16.89 2.56 14.88
C PRO A 185 -16.04 1.34 15.21
N VAL A 186 -15.07 1.51 16.11
CA VAL A 186 -14.22 0.38 16.49
C VAL A 186 -14.31 0.08 17.98
N VAL A 187 -14.44 -1.19 18.33
CA VAL A 187 -14.45 -1.62 19.72
C VAL A 187 -13.23 -2.52 19.87
N HIS A 188 -12.23 -2.06 20.62
CA HIS A 188 -11.01 -2.85 20.83
C HIS A 188 -10.83 -3.32 22.26
N VAL A 189 -10.76 -4.63 22.43
CA VAL A 189 -10.50 -5.20 23.75
C VAL A 189 -9.03 -5.61 23.65
N GLY A 190 -8.16 -4.86 24.32
CA GLY A 190 -6.73 -5.13 24.27
C GLY A 190 -6.13 -6.04 25.33
N ASN A 191 -6.94 -6.44 26.31
CA ASN A 191 -6.49 -7.32 27.39
C ASN A 191 -7.13 -8.70 27.42
N TRP A 192 -7.34 -9.29 26.25
CA TRP A 192 -7.91 -10.63 26.13
C TRP A 192 -6.89 -11.50 25.41
N PRO A 193 -5.94 -12.10 26.17
CA PRO A 193 -4.90 -12.97 25.61
C PRO A 193 -5.41 -14.15 24.81
N ASP A 194 -4.65 -14.55 23.81
CA ASP A 194 -5.02 -15.67 22.95
C ASP A 194 -5.07 -16.99 23.70
N GLN A 195 -5.79 -17.96 23.13
CA GLN A 195 -5.93 -19.29 23.73
C GLN A 195 -6.60 -19.25 25.10
N THR A 196 -7.33 -18.18 25.38
CA THR A 196 -8.02 -18.05 26.66
C THR A 196 -9.46 -17.61 26.44
N ALA A 197 -10.25 -17.63 27.50
CA ALA A 197 -11.65 -17.22 27.43
C ALA A 197 -12.04 -16.39 28.64
N VAL A 198 -12.52 -15.17 28.39
CA VAL A 198 -12.97 -14.30 29.46
C VAL A 198 -14.28 -14.89 29.98
N SER A 199 -14.71 -14.45 31.15
CA SER A 199 -15.95 -14.97 31.76
C SER A 199 -17.20 -14.75 30.91
N SER A 200 -18.24 -15.54 31.18
CA SER A 200 -19.49 -15.41 30.46
C SER A 200 -20.08 -14.01 30.72
N GLU A 201 -19.85 -13.50 31.93
CA GLU A 201 -20.35 -12.17 32.30
C GLU A 201 -19.68 -11.08 31.43
N VAL A 202 -18.36 -11.15 31.28
CA VAL A 202 -17.62 -10.19 30.48
C VAL A 202 -18.04 -10.31 29.01
N THR A 203 -18.18 -11.55 28.56
CA THR A 203 -18.57 -11.81 27.17
C THR A 203 -19.96 -11.26 26.87
N LYS A 204 -20.88 -11.44 27.81
CA LYS A 204 -22.24 -10.95 27.62
C LYS A 204 -22.22 -9.42 27.52
N ALA A 205 -21.40 -8.78 28.35
CA ALA A 205 -21.30 -7.32 28.34
C ALA A 205 -20.69 -6.84 27.02
N LEU A 206 -19.71 -7.60 26.51
CA LEU A 206 -19.05 -7.24 25.26
C LEU A 206 -20.01 -7.36 24.09
N ALA A 207 -20.77 -8.44 24.07
CA ALA A 207 -21.73 -8.66 22.99
C ALA A 207 -22.77 -7.53 22.99
N SER A 208 -23.21 -7.12 24.18
CA SER A 208 -24.19 -6.05 24.28
C SER A 208 -23.64 -4.73 23.75
N LEU A 209 -22.37 -4.44 24.07
CA LEU A 209 -21.73 -3.20 23.61
C LEU A 209 -21.57 -3.20 22.09
N VAL A 210 -21.12 -4.32 21.54
CA VAL A 210 -20.91 -4.43 20.11
C VAL A 210 -22.24 -4.31 19.35
N ASP A 211 -23.28 -4.99 19.82
CA ASP A 211 -24.58 -4.92 19.17
C ASP A 211 -25.17 -3.51 19.26
N GLN A 212 -25.03 -2.86 20.41
CA GLN A 212 -25.54 -1.51 20.60
C GLN A 212 -24.84 -0.52 19.69
N THR A 213 -23.52 -0.67 19.58
CA THR A 213 -22.73 0.21 18.73
C THR A 213 -23.18 0.05 17.28
N ALA A 214 -23.38 -1.19 16.84
CA ALA A 214 -23.81 -1.45 15.47
C ALA A 214 -25.21 -0.89 15.21
N GLU A 215 -26.11 -1.04 16.18
CA GLU A 215 -27.47 -0.54 16.04
C GLU A 215 -27.50 0.97 15.81
N THR A 216 -26.71 1.70 16.60
CA THR A 216 -26.67 3.16 16.46
C THR A 216 -26.17 3.56 15.08
N LYS A 217 -25.11 2.90 14.60
CA LYS A 217 -24.54 3.23 13.28
C LYS A 217 -25.47 2.79 12.15
N ARG A 218 -26.03 1.60 12.27
CA ARG A 218 -26.95 1.08 11.26
C ARG A 218 -28.12 2.04 11.10
N ASN A 219 -28.67 2.51 12.23
CA ASN A 219 -29.79 3.43 12.21
C ASN A 219 -29.44 4.70 11.43
N MET A 220 -28.22 5.20 11.60
CA MET A 220 -27.79 6.39 10.88
C MET A 220 -27.89 6.16 9.38
N TYR A 221 -27.37 5.03 8.90
CA TYR A 221 -27.44 4.72 7.48
C TYR A 221 -28.91 4.64 7.00
N GLU A 222 -29.79 4.10 7.83
CA GLU A 222 -31.19 4.00 7.45
C GLU A 222 -31.84 5.38 7.35
N SER A 223 -31.48 6.28 8.26
CA SER A 223 -32.05 7.63 8.25
C SER A 223 -31.62 8.40 7.01
N LYS A 224 -30.50 8.01 6.40
CA LYS A 224 -30.00 8.66 5.20
C LYS A 224 -30.44 7.94 3.92
N GLY A 225 -31.22 6.87 4.09
CA GLY A 225 -31.69 6.11 2.94
C GLY A 225 -30.60 5.36 2.19
N SER A 226 -29.65 4.79 2.92
CA SER A 226 -28.56 4.04 2.29
C SER A 226 -29.08 2.81 1.53
N SER A 227 -28.46 2.54 0.39
CA SER A 227 -28.86 1.39 -0.41
C SER A 227 -28.33 0.10 0.22
N ALA A 228 -27.44 0.24 1.19
CA ALA A 228 -26.87 -0.93 1.87
C ALA A 228 -27.93 -1.68 2.69
N VAL A 229 -29.01 -0.99 3.05
CA VAL A 229 -30.06 -1.62 3.82
C VAL A 229 -30.72 -2.76 3.03
N ALA A 230 -30.64 -2.67 1.70
CA ALA A 230 -31.24 -3.68 0.84
C ALA A 230 -30.26 -4.74 0.36
N ASP A 231 -29.06 -4.75 0.92
CA ASP A 231 -28.04 -5.70 0.53
C ASP A 231 -27.70 -6.61 1.71
N ASP A 232 -28.03 -7.89 1.58
CA ASP A 232 -27.78 -8.87 2.63
C ASP A 232 -26.30 -9.05 2.94
N SER A 233 -25.43 -8.61 2.04
CA SER A 233 -24.00 -8.74 2.25
C SER A 233 -23.38 -7.52 2.91
N LYS A 234 -24.17 -6.48 3.14
CA LYS A 234 -23.65 -5.26 3.76
C LYS A 234 -24.23 -4.98 5.15
N LEU A 235 -23.68 -3.96 5.80
CA LEU A 235 -24.10 -3.55 7.15
C LEU A 235 -23.87 -4.62 8.19
N ARG A 236 -22.84 -5.44 7.98
CA ARG A 236 -22.52 -6.52 8.90
C ARG A 236 -21.38 -6.20 9.88
N PRO A 237 -21.58 -6.53 11.17
CA PRO A 237 -20.50 -6.26 12.12
C PRO A 237 -19.31 -7.12 11.66
N VAL A 238 -18.10 -6.61 11.83
CA VAL A 238 -16.88 -7.33 11.45
C VAL A 238 -16.10 -7.62 12.72
N ILE A 239 -15.76 -8.89 12.95
CA ILE A 239 -15.04 -9.28 14.16
C ILE A 239 -13.78 -10.08 13.85
N HIS A 240 -12.67 -9.75 14.51
CA HIS A 240 -11.44 -10.53 14.34
C HIS A 240 -10.55 -10.43 15.57
N CYS A 241 -9.71 -11.45 15.73
CA CYS A 241 -8.75 -11.52 16.82
C CYS A 241 -7.44 -11.72 16.07
N ARG A 242 -6.74 -12.84 16.28
CA ARG A 242 -5.51 -13.06 15.52
C ARG A 242 -5.83 -14.02 14.36
N ALA A 243 -6.34 -15.20 14.67
CA ALA A 243 -6.69 -16.18 13.64
C ALA A 243 -8.14 -16.05 13.18
N GLY A 244 -8.98 -15.49 14.04
CA GLY A 244 -10.39 -15.33 13.73
C GLY A 244 -11.19 -16.60 13.97
N VAL A 245 -10.74 -17.43 14.93
CA VAL A 245 -11.43 -18.67 15.24
C VAL A 245 -11.68 -18.97 16.72
N GLY A 246 -10.92 -18.33 17.60
CA GLY A 246 -11.11 -18.57 19.03
C GLY A 246 -11.92 -17.49 19.68
N ARG A 247 -11.27 -16.40 20.04
CA ARG A 247 -11.92 -15.26 20.69
C ARG A 247 -13.09 -14.74 19.85
N THR A 248 -12.88 -14.70 18.53
CA THR A 248 -13.91 -14.24 17.60
C THR A 248 -15.17 -15.10 17.65
N ALA A 249 -15.00 -16.42 17.73
CA ALA A 249 -16.14 -17.32 17.78
C ALA A 249 -16.90 -17.21 19.10
N GLN A 250 -16.17 -17.00 20.19
CA GLN A 250 -16.81 -16.85 21.49
C GLN A 250 -17.73 -15.63 21.47
N LEU A 251 -17.25 -14.53 20.89
CA LEU A 251 -18.06 -13.31 20.82
C LEU A 251 -19.25 -13.49 19.86
N ILE A 252 -19.01 -14.08 18.69
CA ILE A 252 -20.11 -14.27 17.75
C ILE A 252 -21.22 -15.15 18.35
N GLY A 253 -20.81 -16.19 19.09
CA GLY A 253 -21.80 -17.03 19.73
C GLY A 253 -22.62 -16.22 20.72
N ALA A 254 -21.95 -15.39 21.52
CA ALA A 254 -22.67 -14.57 22.50
C ALA A 254 -23.61 -13.57 21.81
N MET A 255 -23.18 -13.04 20.67
CA MET A 255 -23.99 -12.10 19.92
C MET A 255 -25.27 -12.75 19.39
N CYS A 256 -25.18 -13.99 18.93
CA CYS A 256 -26.39 -14.61 18.40
C CYS A 256 -27.37 -14.93 19.50
N MET A 257 -26.88 -15.10 20.72
CA MET A 257 -27.78 -15.38 21.83
C MET A 257 -28.40 -14.08 22.34
N ASN A 258 -27.87 -12.95 21.87
CA ASN A 258 -28.37 -11.63 22.25
C ASN A 258 -29.39 -11.16 21.20
N ASP A 259 -29.60 -11.98 20.17
CA ASP A 259 -30.55 -11.68 19.09
C ASP A 259 -31.93 -12.24 19.50
N SER A 260 -32.91 -11.36 19.66
CA SER A 260 -34.24 -11.79 20.08
C SER A 260 -34.96 -12.68 19.06
N ARG A 261 -34.42 -12.78 17.86
CA ARG A 261 -35.04 -13.58 16.81
C ARG A 261 -34.59 -15.03 16.80
N ASN A 262 -33.57 -15.38 17.59
CA ASN A 262 -33.04 -16.74 17.58
C ASN A 262 -33.54 -17.75 18.60
N SER A 263 -34.80 -17.64 19.01
CA SER A 263 -35.35 -18.59 19.97
C SER A 263 -35.23 -20.01 19.43
N GLN A 264 -34.83 -20.93 20.32
CA GLN A 264 -34.67 -22.35 20.01
C GLN A 264 -33.40 -22.71 19.24
N LEU A 265 -32.59 -21.72 18.90
CA LEU A 265 -31.34 -22.00 18.20
C LEU A 265 -30.42 -22.64 19.25
N SER A 266 -29.93 -23.85 18.98
CA SER A 266 -29.09 -24.56 19.96
C SER A 266 -27.60 -24.25 19.88
N VAL A 267 -26.85 -24.66 20.91
CA VAL A 267 -25.41 -24.44 20.89
C VAL A 267 -24.85 -25.27 19.74
N GLU A 268 -25.41 -26.46 19.53
CA GLU A 268 -24.96 -27.33 18.43
C GLU A 268 -25.11 -26.56 17.10
N ASP A 269 -26.26 -25.94 16.91
CA ASP A 269 -26.52 -25.15 15.69
C ASP A 269 -25.49 -24.05 15.54
N MET A 270 -25.31 -23.25 16.59
CA MET A 270 -24.36 -22.14 16.58
C MET A 270 -22.96 -22.49 16.13
N VAL A 271 -22.37 -23.49 16.78
CA VAL A 271 -21.02 -23.88 16.46
C VAL A 271 -20.93 -24.56 15.10
N SER A 272 -21.90 -25.41 14.78
CA SER A 272 -21.87 -26.09 13.47
C SER A 272 -21.97 -25.07 12.34
N GLN A 273 -22.77 -24.02 12.53
CA GLN A 273 -22.93 -22.97 11.54
C GLN A 273 -21.64 -22.15 11.37
N MET A 274 -20.99 -21.78 12.46
CA MET A 274 -19.75 -21.02 12.34
C MET A 274 -18.68 -21.87 11.65
N ARG A 275 -18.63 -23.16 11.97
CA ARG A 275 -17.62 -24.03 11.36
C ARG A 275 -17.83 -24.28 9.88
N VAL A 276 -19.08 -24.54 9.49
CA VAL A 276 -19.39 -24.79 8.10
C VAL A 276 -19.21 -23.54 7.24
N GLN A 277 -19.38 -22.36 7.85
CA GLN A 277 -19.26 -21.10 7.11
C GLN A 277 -17.89 -20.39 7.14
N ARG A 278 -16.92 -20.96 7.86
CA ARG A 278 -15.56 -20.39 7.92
C ARG A 278 -14.55 -21.53 7.88
N ASN A 279 -14.39 -22.24 9.01
CA ASN A 279 -13.52 -23.41 9.08
C ASN A 279 -13.84 -24.23 10.32
N GLY A 280 -13.35 -25.47 10.36
CA GLY A 280 -13.64 -26.37 11.47
C GLY A 280 -13.05 -26.02 12.82
N ILE A 281 -12.26 -24.95 12.87
CA ILE A 281 -11.63 -24.56 14.12
C ILE A 281 -12.45 -23.57 14.94
N MET A 282 -13.47 -22.95 14.35
CA MET A 282 -14.31 -21.99 15.08
C MET A 282 -14.70 -22.53 16.44
N VAL A 283 -14.34 -21.78 17.48
CA VAL A 283 -14.53 -22.13 18.89
C VAL A 283 -13.42 -23.15 19.10
N GLN A 284 -12.21 -22.64 19.24
CA GLN A 284 -11.04 -23.49 19.39
C GLN A 284 -10.88 -24.18 20.73
N LYS A 285 -10.78 -23.39 21.80
CA LYS A 285 -10.58 -23.91 23.15
C LYS A 285 -11.84 -24.44 23.84
N ASP A 286 -11.68 -25.48 24.66
CA ASP A 286 -12.82 -26.03 25.37
C ASP A 286 -13.41 -25.01 26.33
N GLU A 287 -12.56 -24.15 26.89
CA GLU A 287 -13.05 -23.13 27.81
C GLU A 287 -13.95 -22.12 27.10
N GLN A 288 -13.70 -21.91 25.80
CA GLN A 288 -14.51 -20.98 25.03
C GLN A 288 -15.89 -21.59 24.81
N LEU A 289 -15.92 -22.89 24.52
CA LEU A 289 -17.19 -23.57 24.34
C LEU A 289 -17.97 -23.56 25.66
N ASP A 290 -17.26 -23.71 26.78
CA ASP A 290 -17.95 -23.71 28.07
C ASP A 290 -18.66 -22.39 28.33
N VAL A 291 -18.09 -21.29 27.84
CA VAL A 291 -18.70 -19.99 28.01
C VAL A 291 -20.04 -19.96 27.27
N LEU A 292 -20.06 -20.48 26.04
CA LEU A 292 -21.29 -20.50 25.27
C LEU A 292 -22.32 -21.41 25.95
N ILE A 293 -21.87 -22.52 26.51
CA ILE A 293 -22.77 -23.43 27.21
C ILE A 293 -23.39 -22.73 28.43
N LYS A 294 -22.56 -22.02 29.17
CA LYS A 294 -23.03 -21.31 30.36
C LYS A 294 -24.03 -20.22 30.00
N LEU A 295 -23.77 -19.51 28.90
CA LEU A 295 -24.68 -18.46 28.47
C LEU A 295 -26.01 -19.08 28.05
N ALA A 296 -25.95 -20.22 27.38
CA ALA A 296 -27.15 -20.91 26.92
C ALA A 296 -27.97 -21.38 28.12
N GLU A 297 -27.32 -21.97 29.10
CA GLU A 297 -28.01 -22.47 30.28
C GLU A 297 -28.75 -21.32 30.99
N GLY A 298 -28.13 -20.14 31.01
CA GLY A 298 -28.75 -19.00 31.65
C GLY A 298 -30.05 -18.58 30.98
N GLN A 299 -30.19 -18.92 29.70
CA GLN A 299 -31.39 -18.58 28.94
C GLN A 299 -32.34 -19.75 28.79
N GLY A 300 -31.92 -20.92 29.24
CA GLY A 300 -32.75 -22.10 29.11
C GLY A 300 -32.72 -22.56 27.66
N ARG A 301 -31.68 -22.16 26.96
CA ARG A 301 -31.49 -22.51 25.54
C ARG A 301 -30.90 -23.91 25.44
N PRO A 302 -31.38 -24.72 24.48
CA PRO A 302 -30.87 -26.09 24.32
C PRO A 302 -29.42 -26.19 23.84
N LEU A 303 -28.70 -27.20 24.33
CA LEU A 303 -27.32 -27.40 23.92
C LEU A 303 -27.28 -28.27 22.66
N LEU A 304 -28.18 -29.24 22.59
CA LEU A 304 -28.24 -30.17 21.46
C LEU A 304 -29.56 -30.17 20.71
N ASN A 305 -29.55 -30.69 19.48
CA ASN A 305 -30.75 -30.80 18.66
C ASN A 305 -31.35 -32.18 18.93
N SER A 306 -32.67 -32.26 19.01
CA SER A 306 -33.36 -33.52 19.27
C SER A 306 -33.51 -34.31 17.97
N SER B 25 29.79 31.51 -36.03
CA SER B 25 29.82 31.22 -34.57
C SER B 25 29.34 29.82 -34.26
N PRO B 26 30.04 29.11 -33.36
CA PRO B 26 29.66 27.75 -32.98
C PRO B 26 28.35 27.71 -32.20
N TYR B 27 27.89 28.89 -31.80
CA TYR B 27 26.64 28.99 -31.05
C TYR B 27 25.65 29.90 -31.76
N GLY B 28 25.91 30.16 -33.04
CA GLY B 28 25.05 31.02 -33.83
C GLY B 28 23.78 30.35 -34.34
N PRO B 29 22.97 31.06 -35.13
CA PRO B 29 21.73 30.49 -35.67
C PRO B 29 21.94 29.32 -36.62
N GLU B 30 23.06 29.32 -37.35
CA GLU B 30 23.34 28.24 -38.29
C GLU B 30 23.56 26.93 -37.53
N ALA B 31 24.42 26.98 -36.51
CA ALA B 31 24.72 25.80 -35.71
C ALA B 31 23.48 25.30 -34.98
N ARG B 32 22.73 26.23 -34.41
CA ARG B 32 21.51 25.88 -33.69
C ARG B 32 20.51 25.19 -34.61
N ALA B 33 20.43 25.66 -35.85
CA ALA B 33 19.53 25.08 -36.83
C ALA B 33 19.98 23.66 -37.21
N GLU B 34 21.28 23.45 -37.31
CA GLU B 34 21.82 22.14 -37.67
C GLU B 34 21.58 21.15 -36.53
N LEU B 35 21.77 21.61 -35.30
CA LEU B 35 21.55 20.76 -34.12
C LEU B 35 20.09 20.32 -34.10
N SER B 36 19.19 21.26 -34.32
CA SER B 36 17.76 20.96 -34.32
C SER B 36 17.42 19.96 -35.41
N SER B 37 18.06 20.12 -36.58
CA SER B 37 17.85 19.24 -37.71
C SER B 37 18.20 17.80 -37.38
N ARG B 38 19.38 17.61 -36.81
CA ARG B 38 19.82 16.26 -36.44
C ARG B 38 18.90 15.66 -35.37
N LEU B 39 18.58 16.44 -34.34
CA LEU B 39 17.73 15.93 -33.26
C LEU B 39 16.32 15.57 -33.75
N THR B 40 15.77 16.39 -34.64
CA THR B 40 14.43 16.14 -35.18
C THR B 40 14.40 14.80 -35.91
N THR B 41 15.44 14.53 -36.70
CA THR B 41 15.52 13.27 -37.43
C THR B 41 15.55 12.09 -36.47
N LEU B 42 16.32 12.21 -35.38
CA LEU B 42 16.42 11.14 -34.41
C LEU B 42 15.08 10.84 -33.74
N ARG B 43 14.36 11.87 -33.33
CA ARG B 43 13.06 11.68 -32.69
C ARG B 43 12.12 10.88 -33.57
N ASN B 44 12.09 11.20 -34.87
CA ASN B 44 11.20 10.49 -35.79
C ASN B 44 11.58 9.03 -35.92
N THR B 45 12.88 8.76 -36.04
CA THR B 45 13.34 7.39 -36.17
C THR B 45 13.01 6.58 -34.93
N LEU B 46 13.06 7.23 -33.77
CA LEU B 46 12.79 6.57 -32.49
C LEU B 46 11.31 6.46 -32.14
N ALA B 47 10.45 6.99 -33.01
CA ALA B 47 9.01 6.94 -32.78
C ALA B 47 8.58 5.49 -32.55
N PRO B 48 7.78 5.24 -31.50
CA PRO B 48 7.31 3.89 -31.17
C PRO B 48 6.25 3.32 -32.12
N ALA B 49 6.46 2.06 -32.51
CA ALA B 49 5.51 1.39 -33.39
C ALA B 49 4.75 0.35 -32.59
N THR B 50 3.81 -0.33 -33.24
CA THR B 50 3.01 -1.34 -32.57
C THR B 50 3.87 -2.53 -32.16
N ASN B 51 3.85 -2.85 -30.87
CA ASN B 51 4.63 -3.96 -30.33
C ASN B 51 6.09 -3.83 -30.75
N ASP B 52 6.59 -2.59 -30.71
CA ASP B 52 7.98 -2.30 -31.08
C ASP B 52 8.94 -3.08 -30.18
N PRO B 53 9.84 -3.88 -30.79
CA PRO B 53 10.80 -4.64 -30.01
C PRO B 53 11.85 -3.78 -29.31
N ARG B 54 11.88 -2.50 -29.64
CA ARG B 54 12.83 -1.57 -29.03
C ARG B 54 12.28 -1.01 -27.72
N TYR B 55 10.97 -1.16 -27.52
CA TYR B 55 10.34 -0.63 -26.31
C TYR B 55 9.67 -1.69 -25.44
N LEU B 56 9.71 -1.46 -24.13
CA LEU B 56 9.12 -2.37 -23.16
C LEU B 56 7.62 -2.42 -23.35
N GLN B 57 7.07 -3.64 -23.39
CA GLN B 57 5.63 -3.81 -23.57
C GLN B 57 4.95 -4.25 -22.27
N ALA B 58 3.73 -3.78 -22.05
CA ALA B 58 2.99 -4.13 -20.85
C ALA B 58 2.93 -5.65 -20.72
N CYS B 59 3.29 -6.15 -19.55
CA CYS B 59 3.31 -7.60 -19.30
C CYS B 59 1.89 -8.14 -19.09
N GLY B 60 0.93 -7.56 -19.83
CA GLY B 60 -0.45 -8.00 -19.72
C GLY B 60 -1.09 -7.63 -18.40
N GLY B 61 -2.27 -7.03 -18.46
CA GLY B 61 -2.98 -6.65 -17.25
C GLY B 61 -2.97 -5.16 -16.97
N GLU B 62 -2.27 -4.79 -15.90
CA GLU B 62 -2.17 -3.38 -15.49
C GLU B 62 -1.45 -2.53 -16.53
N LYS B 63 -1.66 -1.22 -16.44
CA LYS B 63 -1.03 -0.28 -17.35
C LYS B 63 0.44 -0.09 -16.98
N LEU B 64 1.28 0.06 -18.00
CA LEU B 64 2.72 0.27 -17.79
C LEU B 64 3.09 1.72 -18.03
N ASN B 65 2.69 2.24 -19.20
CA ASN B 65 3.00 3.62 -19.57
C ASN B 65 1.94 4.62 -19.10
N ARG B 66 2.39 5.69 -18.47
CA ARG B 66 1.48 6.74 -18.01
C ARG B 66 0.87 7.42 -19.24
N PHE B 67 1.65 7.46 -20.31
CA PHE B 67 1.24 8.05 -21.59
C PHE B 67 1.61 7.07 -22.71
N ARG B 68 0.67 6.80 -23.62
CA ARG B 68 0.94 5.85 -24.70
C ARG B 68 1.99 6.32 -25.69
N ASP B 69 2.29 7.62 -25.67
CA ASP B 69 3.27 8.19 -26.58
C ASP B 69 4.66 8.36 -25.95
N ILE B 70 4.79 7.95 -24.69
CA ILE B 70 6.05 8.05 -23.94
C ILE B 70 6.47 6.64 -23.51
N GLN B 71 7.23 5.97 -24.38
CA GLN B 71 7.64 4.59 -24.10
C GLN B 71 9.01 4.44 -23.42
N CYS B 72 9.28 3.23 -22.94
CA CYS B 72 10.51 2.90 -22.22
C CYS B 72 11.43 1.98 -23.03
N ARG B 73 12.64 2.45 -23.32
CA ARG B 73 13.60 1.65 -24.08
C ARG B 73 13.78 0.30 -23.39
N ARG B 74 13.50 -0.80 -24.09
CA ARG B 74 13.60 -2.13 -23.51
C ARG B 74 15.01 -2.55 -23.06
N GLN B 75 16.00 -2.35 -23.93
CA GLN B 75 17.36 -2.76 -23.60
C GLN B 75 17.97 -2.05 -22.39
N THR B 76 17.43 -0.89 -22.01
CA THR B 76 17.96 -0.15 -20.87
C THR B 76 16.97 -0.07 -19.72
N ALA B 77 15.87 -0.80 -19.84
CA ALA B 77 14.84 -0.79 -18.80
C ALA B 77 15.38 -1.29 -17.47
N VAL B 78 14.96 -0.66 -16.38
CA VAL B 78 15.40 -1.04 -15.05
C VAL B 78 14.58 -2.20 -14.52
N ARG B 79 13.27 -2.11 -14.70
CA ARG B 79 12.30 -3.12 -14.25
C ARG B 79 11.29 -3.43 -15.35
N ALA B 80 10.84 -4.68 -15.42
CA ALA B 80 9.87 -5.09 -16.42
C ALA B 80 8.50 -4.46 -16.19
N ASP B 81 8.22 -4.03 -14.95
CA ASP B 81 6.93 -3.43 -14.65
C ASP B 81 6.99 -1.94 -14.33
N LEU B 82 8.06 -1.28 -14.77
CA LEU B 82 8.22 0.15 -14.56
C LEU B 82 8.64 0.83 -15.86
N ASN B 83 8.25 2.09 -16.02
CA ASN B 83 8.64 2.89 -17.18
C ASN B 83 9.78 3.73 -16.57
N ALA B 84 10.99 3.18 -16.70
CA ALA B 84 12.21 3.78 -16.16
C ALA B 84 13.42 3.23 -16.92
N ASN B 85 14.44 4.07 -17.14
CA ASN B 85 15.62 3.63 -17.88
C ASN B 85 16.95 4.03 -17.30
N TYR B 86 17.93 3.15 -17.50
CA TYR B 86 19.30 3.43 -17.10
C TYR B 86 19.78 4.34 -18.23
N ILE B 87 20.46 5.43 -17.88
CA ILE B 87 20.97 6.36 -18.88
C ILE B 87 22.38 6.78 -18.52
N GLN B 88 23.30 6.70 -19.48
CA GLN B 88 24.66 7.16 -19.24
C GLN B 88 24.95 8.21 -20.31
N VAL B 89 25.27 9.42 -19.86
CA VAL B 89 25.58 10.53 -20.77
C VAL B 89 27.07 10.78 -20.56
N GLY B 90 27.88 10.35 -21.53
CA GLY B 90 29.32 10.50 -21.37
C GLY B 90 29.70 9.49 -20.30
N ASN B 91 30.15 10.00 -19.15
CA ASN B 91 30.53 9.16 -18.01
C ASN B 91 29.45 9.22 -16.93
N THR B 92 28.48 10.12 -17.07
CA THR B 92 27.44 10.30 -16.03
C THR B 92 26.32 9.26 -16.04
N ARG B 93 26.21 8.50 -14.96
CA ARG B 93 25.19 7.45 -14.85
C ARG B 93 24.01 7.84 -13.99
N THR B 94 22.81 7.70 -14.56
CA THR B 94 21.58 8.03 -13.86
C THR B 94 20.47 7.07 -14.26
N ILE B 95 19.29 7.33 -13.73
CA ILE B 95 18.06 6.60 -14.03
C ILE B 95 17.01 7.68 -14.21
N ALA B 96 16.28 7.61 -15.32
CA ALA B 96 15.20 8.56 -15.64
C ALA B 96 13.92 7.74 -15.75
N CYS B 97 12.83 8.22 -15.16
CA CYS B 97 11.57 7.49 -15.21
C CYS B 97 10.34 8.41 -15.24
N GLN B 98 9.16 7.81 -15.41
CA GLN B 98 7.93 8.58 -15.40
C GLN B 98 7.52 8.67 -13.94
N TYR B 99 6.54 9.48 -13.63
CA TYR B 99 6.07 9.57 -12.25
C TYR B 99 5.35 8.22 -12.07
N PRO B 100 5.70 7.47 -11.02
CA PRO B 100 5.04 6.18 -10.85
C PRO B 100 3.52 6.19 -10.70
N LEU B 101 2.88 5.20 -11.31
CA LEU B 101 1.44 5.06 -11.21
C LEU B 101 1.18 4.45 -9.84
N GLN B 102 -0.03 4.62 -9.33
CA GLN B 102 -0.40 4.08 -8.03
C GLN B 102 -0.05 2.60 -7.90
N SER B 103 -0.39 1.82 -8.93
CA SER B 103 -0.13 0.39 -8.93
C SER B 103 1.35 0.04 -9.00
N GLN B 104 2.18 1.01 -9.36
CA GLN B 104 3.62 0.77 -9.49
C GLN B 104 4.44 1.18 -8.27
N LEU B 105 3.80 1.77 -7.26
CA LEU B 105 4.56 2.23 -6.10
C LEU B 105 5.39 1.18 -5.36
N GLU B 106 4.83 -0.01 -5.11
CA GLU B 106 5.61 -1.02 -4.41
C GLU B 106 6.90 -1.33 -5.18
N SER B 107 6.77 -1.51 -6.50
CA SER B 107 7.92 -1.82 -7.35
C SER B 107 8.90 -0.65 -7.39
N HIS B 108 8.35 0.56 -7.41
CA HIS B 108 9.16 1.77 -7.45
C HIS B 108 10.04 1.85 -6.19
N PHE B 109 9.43 1.61 -5.02
CA PHE B 109 10.17 1.65 -3.76
C PHE B 109 11.24 0.56 -3.67
N ARG B 110 10.92 -0.64 -4.16
CA ARG B 110 11.88 -1.74 -4.13
C ARG B 110 13.07 -1.38 -5.01
N MET B 111 12.79 -0.75 -6.16
CA MET B 111 13.84 -0.31 -7.08
C MET B 111 14.74 0.70 -6.36
N LEU B 112 14.12 1.68 -5.71
CA LEU B 112 14.88 2.70 -5.01
C LEU B 112 15.78 2.08 -3.94
N ALA B 113 15.25 1.13 -3.18
CA ALA B 113 16.04 0.49 -2.13
C ALA B 113 17.18 -0.39 -2.67
N GLU B 114 16.89 -1.23 -3.65
CA GLU B 114 17.94 -2.11 -4.19
C GLU B 114 19.05 -1.32 -4.90
N ASN B 115 18.69 -0.17 -5.47
CA ASN B 115 19.66 0.70 -6.16
C ASN B 115 20.52 1.46 -5.16
N ARG B 116 20.18 1.40 -3.86
CA ARG B 116 20.95 2.14 -2.86
C ARG B 116 20.98 3.58 -3.35
N THR B 117 19.82 4.05 -3.82
CA THR B 117 19.67 5.40 -4.37
C THR B 117 20.32 6.52 -3.56
N PRO B 118 21.29 7.22 -4.15
CA PRO B 118 21.98 8.32 -3.45
C PRO B 118 21.18 9.63 -3.42
N VAL B 119 20.21 9.74 -4.30
CA VAL B 119 19.33 10.90 -4.35
C VAL B 119 18.20 10.69 -5.36
N LEU B 120 17.00 11.09 -4.96
CA LEU B 120 15.81 11.01 -5.81
C LEU B 120 15.38 12.45 -6.04
N ALA B 121 15.41 12.88 -7.30
CA ALA B 121 15.00 14.24 -7.63
C ALA B 121 13.62 14.20 -8.29
N VAL B 122 12.65 14.88 -7.68
CA VAL B 122 11.30 14.93 -8.20
C VAL B 122 11.06 16.36 -8.70
N LEU B 123 10.71 16.49 -9.97
CA LEU B 123 10.49 17.80 -10.58
C LEU B 123 9.03 18.08 -10.93
N ALA B 124 8.13 17.19 -10.50
CA ALA B 124 6.70 17.37 -10.74
C ALA B 124 6.24 18.45 -9.76
N SER B 125 5.32 19.31 -10.21
CA SER B 125 4.83 20.40 -9.36
C SER B 125 3.81 19.93 -8.34
N SER B 126 3.68 20.68 -7.26
CA SER B 126 2.71 20.32 -6.24
C SER B 126 1.30 20.41 -6.83
N SER B 127 1.12 21.28 -7.81
CA SER B 127 -0.19 21.42 -8.47
C SER B 127 -0.56 20.15 -9.22
N GLU B 128 0.41 19.57 -9.93
CA GLU B 128 0.18 18.34 -10.66
C GLU B 128 -0.14 17.20 -9.69
N ILE B 129 0.68 17.07 -8.66
CA ILE B 129 0.49 16.02 -7.66
C ILE B 129 -0.87 16.14 -6.97
N ALA B 130 -1.34 17.36 -6.78
CA ALA B 130 -2.63 17.61 -6.14
C ALA B 130 -3.82 17.35 -7.05
N ASN B 131 -3.57 17.34 -8.37
CA ASN B 131 -4.64 17.12 -9.33
C ASN B 131 -4.99 15.62 -9.38
N GLN B 132 -6.09 15.25 -8.76
CA GLN B 132 -6.48 13.84 -8.73
C GLN B 132 -6.67 13.22 -10.11
N ARG B 133 -7.08 14.00 -11.09
CA ARG B 133 -7.26 13.46 -12.44
C ARG B 133 -5.94 13.02 -13.06
N PHE B 134 -4.83 13.56 -12.56
CA PHE B 134 -3.50 13.22 -13.10
C PHE B 134 -2.93 11.89 -12.56
N GLY B 135 -3.51 11.38 -11.48
CA GLY B 135 -3.03 10.11 -10.93
C GLY B 135 -1.56 10.08 -10.54
N MET B 136 -1.11 11.13 -9.86
CA MET B 136 0.28 11.24 -9.41
C MET B 136 0.28 11.22 -7.87
N PRO B 137 0.40 10.02 -7.28
CA PRO B 137 0.39 9.90 -5.82
C PRO B 137 1.52 10.61 -5.06
N ASP B 138 1.16 11.26 -3.96
CA ASP B 138 2.16 11.95 -3.15
C ASP B 138 2.78 10.86 -2.28
N TYR B 139 3.79 10.20 -2.83
CA TYR B 139 4.44 9.08 -2.17
C TYR B 139 5.68 9.44 -1.36
N PHE B 140 6.18 10.66 -1.49
CA PHE B 140 7.38 11.05 -0.77
C PHE B 140 7.24 12.11 0.33
N ARG B 141 6.10 12.79 0.38
CA ARG B 141 5.91 13.81 1.41
C ARG B 141 5.08 13.30 2.60
N GLN B 142 4.74 12.01 2.57
CA GLN B 142 3.97 11.41 3.65
C GLN B 142 4.37 9.96 3.82
N SER B 143 4.09 9.39 4.98
CA SER B 143 4.44 8.00 5.23
C SER B 143 3.32 7.12 4.70
N GLY B 144 3.58 5.84 4.51
CA GLY B 144 2.55 4.96 4.03
C GLY B 144 2.96 3.50 3.87
N THR B 145 1.97 2.68 3.56
CA THR B 145 2.15 1.24 3.36
C THR B 145 1.76 0.88 1.94
N TYR B 146 2.66 0.17 1.26
CA TYR B 146 2.44 -0.24 -0.13
C TYR B 146 2.80 -1.72 -0.28
N GLY B 147 1.83 -2.59 -0.06
CA GLY B 147 2.09 -4.02 -0.15
C GLY B 147 2.93 -4.44 1.04
N SER B 148 4.07 -5.09 0.77
CA SER B 148 4.93 -5.52 1.86
C SER B 148 5.96 -4.45 2.22
N ILE B 149 5.84 -3.27 1.64
CA ILE B 149 6.78 -2.21 1.94
C ILE B 149 6.15 -1.08 2.75
N THR B 150 6.90 -0.57 3.72
CA THR B 150 6.45 0.55 4.55
C THR B 150 7.44 1.68 4.34
N VAL B 151 6.93 2.90 4.24
CA VAL B 151 7.78 4.06 4.01
C VAL B 151 7.54 5.16 5.04
N GLU B 152 8.62 5.78 5.51
CA GLU B 152 8.54 6.87 6.47
C GLU B 152 9.14 8.10 5.81
N SER B 153 8.45 9.23 5.86
CA SER B 153 8.94 10.48 5.27
C SER B 153 9.30 11.49 6.35
N LYS B 154 10.46 12.12 6.22
CA LYS B 154 10.90 13.11 7.17
C LYS B 154 11.41 14.33 6.41
N MET B 155 11.06 15.52 6.87
CA MET B 155 11.51 16.74 6.22
C MET B 155 12.91 17.09 6.68
N THR B 156 13.75 17.56 5.76
CA THR B 156 15.09 17.96 6.13
C THR B 156 15.30 19.43 5.75
N GLN B 157 16.34 19.75 4.99
CA GLN B 157 16.62 21.14 4.62
C GLN B 157 15.83 21.67 3.43
N GLN B 158 15.94 22.99 3.22
CA GLN B 158 15.29 23.67 2.11
C GLN B 158 16.37 24.56 1.48
N VAL B 159 16.57 24.43 0.18
CA VAL B 159 17.59 25.22 -0.51
C VAL B 159 17.01 26.04 -1.66
N GLY B 160 17.23 27.35 -1.62
CA GLY B 160 16.74 28.22 -2.68
C GLY B 160 17.62 28.07 -3.92
N LEU B 161 17.00 28.01 -5.09
CA LEU B 161 17.76 27.84 -6.33
C LEU B 161 17.81 29.10 -7.20
N GLY B 162 17.07 30.13 -6.78
CA GLY B 162 17.02 31.38 -7.52
C GLY B 162 15.67 31.58 -8.18
N ASP B 163 15.34 32.83 -8.50
CA ASP B 163 14.06 33.13 -9.16
C ASP B 163 12.86 32.62 -8.36
N GLY B 164 13.02 32.47 -7.05
CA GLY B 164 11.93 31.99 -6.22
C GLY B 164 11.77 30.48 -6.24
N ILE B 165 12.50 29.81 -7.13
CA ILE B 165 12.40 28.35 -7.22
C ILE B 165 13.01 27.73 -5.97
N MET B 166 12.24 26.89 -5.27
CA MET B 166 12.71 26.26 -4.05
C MET B 166 12.90 24.74 -4.16
N ALA B 167 13.93 24.23 -3.49
CA ALA B 167 14.18 22.79 -3.45
C ALA B 167 13.88 22.34 -2.02
N ASP B 168 12.83 21.54 -1.86
CA ASP B 168 12.43 21.01 -0.55
C ASP B 168 13.00 19.62 -0.44
N MET B 169 13.76 19.35 0.61
CA MET B 169 14.36 18.04 0.77
C MET B 169 13.71 17.19 1.86
N TYR B 170 13.81 15.88 1.67
CA TYR B 170 13.24 14.92 2.60
C TYR B 170 14.12 13.69 2.65
N THR B 171 13.77 12.78 3.54
CA THR B 171 14.46 11.51 3.68
C THR B 171 13.33 10.48 3.68
N LEU B 172 13.45 9.47 2.83
CA LEU B 172 12.46 8.39 2.74
C LEU B 172 13.08 7.10 3.22
N THR B 173 12.54 6.54 4.31
CA THR B 173 13.07 5.30 4.84
C THR B 173 12.15 4.14 4.43
N ILE B 174 12.71 3.24 3.65
CA ILE B 174 12.01 2.09 3.08
C ILE B 174 12.28 0.80 3.83
N ARG B 175 11.23 0.20 4.40
CA ARG B 175 11.35 -1.04 5.16
C ARG B 175 10.56 -2.18 4.54
N GLU B 176 11.16 -3.37 4.53
CA GLU B 176 10.51 -4.56 3.99
C GLU B 176 11.07 -5.81 4.67
N ALA B 177 10.19 -6.65 5.19
CA ALA B 177 10.60 -7.87 5.87
C ALA B 177 11.57 -8.69 5.02
N GLY B 178 12.71 -9.03 5.60
CA GLY B 178 13.70 -9.82 4.88
C GLY B 178 14.68 -9.01 4.06
N GLN B 179 14.48 -7.70 4.01
CA GLN B 179 15.35 -6.81 3.25
C GLN B 179 16.03 -5.78 4.15
N LYS B 180 17.18 -5.26 3.71
CA LYS B 180 17.88 -4.23 4.47
C LYS B 180 17.08 -2.94 4.34
N THR B 181 16.95 -2.21 5.45
CA THR B 181 16.22 -0.94 5.47
C THR B 181 17.10 0.12 4.79
N ILE B 182 16.51 0.90 3.88
CA ILE B 182 17.27 1.91 3.14
C ILE B 182 16.62 3.29 3.22
N SER B 183 17.43 4.32 3.47
CA SER B 183 16.93 5.68 3.49
C SER B 183 17.42 6.37 2.23
N VAL B 184 16.53 7.11 1.58
CA VAL B 184 16.83 7.80 0.33
C VAL B 184 16.64 9.31 0.44
N PRO B 185 17.67 10.09 0.10
CA PRO B 185 17.54 11.56 0.17
C PRO B 185 16.65 12.00 -0.99
N VAL B 186 15.71 12.92 -0.73
CA VAL B 186 14.83 13.41 -1.80
C VAL B 186 14.98 14.92 -2.00
N VAL B 187 15.09 15.33 -3.26
CA VAL B 187 15.15 16.76 -3.60
C VAL B 187 13.91 17.02 -4.44
N HIS B 188 12.95 17.76 -3.89
CA HIS B 188 11.72 18.05 -4.62
C HIS B 188 11.58 19.53 -4.99
N VAL B 189 11.47 19.80 -6.28
CA VAL B 189 11.25 21.17 -6.75
C VAL B 189 9.78 21.14 -7.11
N GLY B 190 8.96 21.83 -6.31
CA GLY B 190 7.52 21.84 -6.53
C GLY B 190 6.93 22.98 -7.33
N ASN B 191 7.75 23.96 -7.70
CA ASN B 191 7.31 25.11 -8.46
C ASN B 191 7.90 25.20 -9.87
N TRP B 192 8.03 24.05 -10.55
CA TRP B 192 8.55 24.01 -11.91
C TRP B 192 7.44 23.38 -12.78
N PRO B 193 6.52 24.21 -13.30
CA PRO B 193 5.42 23.76 -14.14
C PRO B 193 5.84 23.02 -15.40
N ASP B 194 5.01 22.07 -15.82
CA ASP B 194 5.29 21.27 -17.00
C ASP B 194 5.33 22.10 -18.28
N GLN B 195 5.96 21.55 -19.31
CA GLN B 195 6.06 22.22 -20.60
C GLN B 195 6.81 23.55 -20.51
N THR B 196 7.58 23.73 -19.45
CA THR B 196 8.34 24.97 -19.29
C THR B 196 9.78 24.67 -18.91
N ALA B 197 10.63 25.70 -18.93
CA ALA B 197 12.04 25.54 -18.58
C ALA B 197 12.52 26.67 -17.70
N VAL B 198 13.05 26.33 -16.53
CA VAL B 198 13.59 27.32 -15.62
C VAL B 198 14.89 27.81 -16.23
N SER B 199 15.41 28.94 -15.75
CA SER B 199 16.63 29.52 -16.28
C SER B 199 17.85 28.60 -16.18
N SER B 200 18.88 28.90 -16.97
CA SER B 200 20.10 28.10 -16.93
C SER B 200 20.74 28.26 -15.55
N GLU B 201 20.61 29.45 -14.96
CA GLU B 201 21.17 29.71 -13.64
C GLU B 201 20.53 28.79 -12.60
N VAL B 202 19.20 28.72 -12.58
CA VAL B 202 18.47 27.88 -11.65
C VAL B 202 18.81 26.40 -11.89
N THR B 203 18.85 26.01 -13.16
CA THR B 203 19.16 24.63 -13.52
C THR B 203 20.55 24.23 -13.05
N LYS B 204 21.51 25.14 -13.22
CA LYS B 204 22.88 24.87 -12.78
C LYS B 204 22.91 24.67 -11.27
N ALA B 205 22.17 25.51 -10.54
CA ALA B 205 22.13 25.39 -9.08
C ALA B 205 21.49 24.07 -8.65
N LEU B 206 20.46 23.66 -9.39
CA LEU B 206 19.77 22.41 -9.08
C LEU B 206 20.68 21.20 -9.34
N ALA B 207 21.39 21.22 -10.46
CA ALA B 207 22.28 20.12 -10.77
C ALA B 207 23.35 20.01 -9.70
N SER B 208 23.86 21.15 -9.23
CA SER B 208 24.90 21.14 -8.20
C SER B 208 24.36 20.56 -6.88
N LEU B 209 23.14 20.92 -6.52
CA LEU B 209 22.53 20.42 -5.28
C LEU B 209 22.29 18.91 -5.36
N VAL B 210 21.76 18.45 -6.49
CA VAL B 210 21.49 17.04 -6.69
C VAL B 210 22.79 16.21 -6.65
N ASP B 211 23.81 16.66 -7.36
CA ASP B 211 25.09 15.95 -7.37
C ASP B 211 25.74 15.93 -5.98
N GLN B 212 25.68 17.06 -5.27
CA GLN B 212 26.27 17.13 -3.94
C GLN B 212 25.57 16.18 -2.99
N THR B 213 24.24 16.14 -3.06
CA THR B 213 23.45 15.28 -2.20
C THR B 213 23.81 13.82 -2.48
N ALA B 214 23.93 13.47 -3.76
CA ALA B 214 24.29 12.11 -4.14
C ALA B 214 25.70 11.76 -3.66
N GLU B 215 26.63 12.69 -3.81
CA GLU B 215 28.01 12.45 -3.39
C GLU B 215 28.10 12.11 -1.89
N THR B 216 27.38 12.87 -1.07
CA THR B 216 27.38 12.66 0.38
C THR B 216 26.84 11.27 0.71
N LYS B 217 25.72 10.90 0.09
CA LYS B 217 25.11 9.60 0.35
C LYS B 217 25.95 8.44 -0.18
N ARG B 218 26.48 8.59 -1.40
CA ARG B 218 27.32 7.56 -2.00
C ARG B 218 28.54 7.30 -1.11
N ASN B 219 29.15 8.36 -0.61
CA ASN B 219 30.31 8.24 0.26
C ASN B 219 29.97 7.41 1.50
N MET B 220 28.78 7.62 2.06
CA MET B 220 28.37 6.84 3.22
C MET B 220 28.41 5.35 2.87
N TYR B 221 27.82 4.97 1.75
CA TYR B 221 27.82 3.56 1.34
C TYR B 221 29.23 3.02 1.17
N GLU B 222 30.12 3.84 0.63
CA GLU B 222 31.50 3.40 0.46
C GLU B 222 32.19 3.20 1.80
N SER B 223 31.91 4.06 2.78
CA SER B 223 32.53 3.93 4.09
C SER B 223 32.08 2.66 4.79
N LYS B 224 30.92 2.15 4.42
CA LYS B 224 30.40 0.92 5.03
C LYS B 224 30.77 -0.31 4.21
N GLY B 225 31.50 -0.13 3.12
CA GLY B 225 31.89 -1.24 2.28
C GLY B 225 30.75 -1.89 1.54
N SER B 226 29.82 -1.08 1.04
CA SER B 226 28.68 -1.61 0.31
C SER B 226 29.08 -2.31 -0.98
N SER B 227 28.43 -3.42 -1.28
CA SER B 227 28.72 -4.16 -2.50
C SER B 227 28.17 -3.45 -3.73
N ALA B 228 27.34 -2.42 -3.50
CA ALA B 228 26.76 -1.65 -4.59
C ALA B 228 27.82 -0.85 -5.35
N VAL B 229 28.93 -0.56 -4.68
CA VAL B 229 30.00 0.21 -5.31
C VAL B 229 30.57 -0.54 -6.51
N ALA B 230 30.42 -1.86 -6.52
CA ALA B 230 30.93 -2.68 -7.61
C ALA B 230 29.88 -3.06 -8.64
N ASP B 231 28.72 -2.43 -8.57
CA ASP B 231 27.63 -2.71 -9.49
C ASP B 231 27.30 -1.47 -10.32
N ASP B 232 27.58 -1.54 -11.61
CA ASP B 232 27.34 -0.43 -12.51
C ASP B 232 25.87 -0.04 -12.61
N SER B 233 24.98 -0.91 -12.16
CA SER B 233 23.55 -0.63 -12.23
C SER B 233 23.00 -0.01 -10.95
N LYS B 234 23.86 0.13 -9.94
CA LYS B 234 23.42 0.69 -8.67
C LYS B 234 24.09 2.02 -8.31
N LEU B 235 23.62 2.64 -7.23
CA LEU B 235 24.12 3.93 -6.76
C LEU B 235 23.89 5.07 -7.75
N ARG B 236 22.83 4.93 -8.54
CA ARG B 236 22.47 5.93 -9.55
C ARG B 236 21.41 6.93 -9.12
N PRO B 237 21.65 8.23 -9.38
CA PRO B 237 20.64 9.22 -9.01
C PRO B 237 19.39 8.87 -9.84
N VAL B 238 18.21 9.04 -9.26
CA VAL B 238 16.96 8.77 -9.95
C VAL B 238 16.24 10.10 -10.13
N ILE B 239 15.83 10.41 -11.35
CA ILE B 239 15.15 11.67 -11.63
C ILE B 239 13.85 11.47 -12.39
N HIS B 240 12.78 12.15 -11.96
CA HIS B 240 11.52 12.09 -12.68
C HIS B 240 10.68 13.34 -12.47
N CYS B 241 9.83 13.61 -13.45
CA CYS B 241 8.89 14.73 -13.41
C CYS B 241 7.55 14.04 -13.61
N ARG B 242 6.81 14.36 -14.66
CA ARG B 242 5.54 13.68 -14.89
C ARG B 242 5.77 12.57 -15.92
N ALA B 243 6.25 12.94 -17.11
CA ALA B 243 6.51 11.96 -18.16
C ALA B 243 7.96 11.45 -18.13
N GLY B 244 8.85 12.24 -17.55
CA GLY B 244 10.25 11.87 -17.47
C GLY B 244 10.99 12.13 -18.77
N VAL B 245 10.57 13.14 -19.52
CA VAL B 245 11.23 13.48 -20.79
C VAL B 245 11.52 14.96 -20.98
N GLY B 246 10.82 15.82 -20.25
CA GLY B 246 11.04 17.25 -20.39
C GLY B 246 11.95 17.81 -19.31
N ARG B 247 11.36 18.13 -18.16
CA ARG B 247 12.09 18.68 -17.04
C ARG B 247 13.25 17.76 -16.62
N THR B 248 12.98 16.47 -16.64
CA THR B 248 13.98 15.45 -16.29
C THR B 248 15.20 15.52 -17.21
N ALA B 249 14.97 15.69 -18.52
CA ALA B 249 16.06 15.74 -19.48
C ALA B 249 16.90 17.02 -19.31
N GLN B 250 16.23 18.13 -19.01
CA GLN B 250 16.94 19.38 -18.82
C GLN B 250 17.91 19.23 -17.65
N LEU B 251 17.45 18.63 -16.55
CA LEU B 251 18.30 18.43 -15.39
C LEU B 251 19.43 17.44 -15.66
N ILE B 252 19.13 16.31 -16.31
CA ILE B 252 20.18 15.34 -16.61
C ILE B 252 21.26 15.95 -17.50
N GLY B 253 20.84 16.75 -18.48
CA GLY B 253 21.81 17.40 -19.35
C GLY B 253 22.71 18.30 -18.51
N ALA B 254 22.12 19.06 -17.59
CA ALA B 254 22.90 19.95 -16.74
C ALA B 254 23.86 19.17 -15.84
N MET B 255 23.41 18.01 -15.35
CA MET B 255 24.23 17.19 -14.48
C MET B 255 25.45 16.65 -15.22
N CYS B 256 25.29 16.25 -16.47
CA CYS B 256 26.44 15.72 -17.20
C CYS B 256 27.46 16.80 -17.49
N MET B 257 27.01 18.05 -17.55
CA MET B 257 27.93 19.14 -17.81
C MET B 257 28.64 19.53 -16.51
N ASN B 258 28.15 19.02 -15.39
CA ASN B 258 28.73 19.29 -14.09
C ASN B 258 29.72 18.18 -13.72
N ASP B 259 29.84 17.19 -14.60
CA ASP B 259 30.75 16.05 -14.41
C ASP B 259 32.12 16.41 -15.01
N SER B 260 33.15 16.48 -14.18
CA SER B 260 34.48 16.85 -14.65
C SER B 260 35.12 15.85 -15.60
N ARG B 261 34.48 14.70 -15.79
CA ARG B 261 35.03 13.68 -16.66
C ARG B 261 34.52 13.78 -18.10
N ASN B 262 33.54 14.64 -18.34
CA ASN B 262 32.95 14.75 -19.67
C ASN B 262 33.47 15.83 -20.62
N SER B 263 34.77 16.12 -20.58
CA SER B 263 35.31 17.12 -21.49
C SER B 263 35.10 16.70 -22.93
N GLN B 264 34.70 17.67 -23.75
CA GLN B 264 34.46 17.49 -25.17
C GLN B 264 33.13 16.81 -25.54
N LEU B 265 32.36 16.39 -24.53
CA LEU B 265 31.05 15.78 -24.80
C LEU B 265 30.15 16.90 -25.35
N SER B 266 29.62 16.73 -26.55
CA SER B 266 28.79 17.76 -27.17
C SER B 266 27.30 17.74 -26.79
N VAL B 267 26.60 18.82 -27.09
CA VAL B 267 25.18 18.87 -26.79
C VAL B 267 24.53 17.80 -27.66
N GLU B 268 25.02 17.65 -28.90
CA GLU B 268 24.48 16.63 -29.80
C GLU B 268 24.60 15.25 -29.16
N ASP B 269 25.75 14.97 -28.55
CA ASP B 269 25.99 13.69 -27.89
C ASP B 269 24.99 13.51 -26.75
N MET B 270 24.93 14.50 -25.86
CA MET B 270 24.04 14.45 -24.70
C MET B 270 22.60 14.10 -25.03
N VAL B 271 22.01 14.84 -25.96
CA VAL B 271 20.61 14.60 -26.31
C VAL B 271 20.43 13.30 -27.08
N SER B 272 21.36 12.97 -27.97
CA SER B 272 21.24 11.72 -28.72
C SER B 272 21.32 10.52 -27.77
N GLN B 273 22.18 10.62 -26.76
CA GLN B 273 22.33 9.55 -25.78
C GLN B 273 21.07 9.39 -24.92
N MET B 274 20.49 10.50 -24.45
CA MET B 274 19.28 10.38 -23.65
C MET B 274 18.15 9.79 -24.49
N ARG B 275 18.06 10.19 -25.75
CA ARG B 275 16.99 9.69 -26.61
C ARG B 275 17.12 8.21 -26.97
N VAL B 276 18.33 7.79 -27.31
CA VAL B 276 18.56 6.40 -27.66
C VAL B 276 18.39 5.46 -26.46
N GLN B 277 18.62 5.98 -25.25
CA GLN B 277 18.52 5.18 -24.04
C GLN B 277 17.19 5.24 -23.28
N ARG B 278 16.25 6.06 -23.75
CA ARG B 278 14.93 6.14 -23.11
C ARG B 278 13.86 6.21 -24.19
N ASN B 279 13.72 7.37 -24.84
CA ASN B 279 12.80 7.54 -25.97
C ASN B 279 13.14 8.82 -26.72
N GLY B 280 12.61 8.97 -27.93
CA GLY B 280 12.92 10.12 -28.76
C GLY B 280 12.40 11.48 -28.32
N ILE B 281 11.67 11.50 -27.21
CA ILE B 281 11.10 12.75 -26.72
C ILE B 281 12.02 13.48 -25.72
N MET B 282 13.01 12.78 -25.19
CA MET B 282 13.93 13.40 -24.22
C MET B 282 14.37 14.78 -24.70
N VAL B 283 14.09 15.78 -23.87
CA VAL B 283 14.34 17.20 -24.14
C VAL B 283 13.19 17.55 -25.08
N GLN B 284 12.00 17.68 -24.50
CA GLN B 284 10.81 17.94 -25.30
C GLN B 284 10.68 19.34 -25.88
N LYS B 285 10.67 20.36 -25.02
CA LYS B 285 10.50 21.75 -25.47
C LYS B 285 11.77 22.41 -26.01
N ASP B 286 11.59 23.30 -26.97
CA ASP B 286 12.74 23.99 -27.53
C ASP B 286 13.42 24.85 -26.48
N GLU B 287 12.63 25.41 -25.56
CA GLU B 287 13.22 26.23 -24.51
C GLU B 287 14.11 25.42 -23.58
N GLN B 288 13.84 24.13 -23.47
CA GLN B 288 14.65 23.25 -22.61
C GLN B 288 15.98 23.01 -23.31
N LEU B 289 15.93 22.82 -24.63
CA LEU B 289 17.16 22.62 -25.37
C LEU B 289 17.99 23.90 -25.30
N ASP B 290 17.34 25.06 -25.34
CA ASP B 290 18.08 26.33 -25.27
C ASP B 290 18.86 26.48 -23.98
N VAL B 291 18.33 25.94 -22.89
CA VAL B 291 19.00 25.99 -21.60
C VAL B 291 20.30 25.18 -21.69
N LEU B 292 20.23 23.99 -22.29
CA LEU B 292 21.43 23.17 -22.42
C LEU B 292 22.44 23.87 -23.32
N ILE B 293 21.96 24.54 -24.37
CA ILE B 293 22.86 25.24 -25.27
C ILE B 293 23.57 26.37 -24.53
N LYS B 294 22.80 27.12 -23.74
CA LYS B 294 23.36 28.23 -22.99
C LYS B 294 24.38 27.75 -21.96
N LEU B 295 24.12 26.61 -21.33
CA LEU B 295 25.06 26.08 -20.35
C LEU B 295 26.34 25.64 -21.04
N ALA B 296 26.20 25.04 -22.23
CA ALA B 296 27.36 24.58 -22.99
C ALA B 296 28.21 25.76 -23.45
N GLU B 297 27.57 26.81 -23.93
CA GLU B 297 28.28 27.99 -24.39
C GLU B 297 29.10 28.59 -23.26
N GLY B 298 28.55 28.56 -22.05
CA GLY B 298 29.26 29.11 -20.90
C GLY B 298 30.52 28.34 -20.58
N GLN B 299 30.58 27.08 -21.01
CA GLN B 299 31.75 26.24 -20.75
C GLN B 299 32.63 26.11 -21.98
N GLY B 300 32.21 26.69 -23.09
CA GLY B 300 32.98 26.59 -24.32
C GLY B 300 32.87 25.18 -24.87
N ARG B 301 31.82 24.48 -24.46
CA ARG B 301 31.55 23.12 -24.88
C ARG B 301 30.89 23.12 -26.26
N PRO B 302 31.29 22.21 -27.15
CA PRO B 302 30.72 22.13 -28.51
C PRO B 302 29.25 21.74 -28.56
N LEU B 303 28.52 22.32 -29.51
CA LEU B 303 27.11 22.00 -29.68
C LEU B 303 26.96 20.80 -30.61
N LEU B 304 27.83 20.73 -31.61
CA LEU B 304 27.79 19.68 -32.62
C LEU B 304 29.07 18.86 -32.74
N ASN B 305 28.96 17.67 -33.31
CA ASN B 305 30.11 16.80 -33.55
C ASN B 305 30.64 17.13 -34.93
N SER B 306 31.97 17.18 -35.06
CA SER B 306 32.62 17.48 -36.34
C SER B 306 32.70 16.23 -37.21
N ASP C 3 3.39 -19.71 11.11
CA ASP C 3 3.10 -20.85 10.20
C ASP C 3 1.78 -21.52 10.61
N GLU C 4 1.77 -22.14 11.79
CA GLU C 4 0.58 -22.82 12.29
C GLU C 4 0.07 -22.15 13.56
N FTY C 5 -1.25 -22.11 13.73
CA FTY C 5 -1.85 -21.48 14.89
C FTY C 5 -2.20 -22.52 15.96
O FTY C 5 -2.68 -22.17 17.04
CB FTY C 5 -3.14 -20.78 14.44
CG FTY C 5 -3.99 -20.11 15.51
CD1 FTY C 5 -5.19 -20.69 15.91
CD2 FTY C 5 -3.60 -18.92 16.10
CE1 FTY C 5 -5.99 -20.10 16.90
CE2 FTY C 5 -4.39 -18.31 17.09
CZ FTY C 5 -5.58 -18.90 17.48
C1 FTY C 5 -6.38 -18.27 18.45
F1 FTY C 5 -5.52 -17.74 19.39
F2 FTY C 5 -7.23 -19.23 18.97
P FTY C 5 -7.60 -16.76 18.03
O1P FTY C 5 -6.78 -15.62 17.57
O2P FTY C 5 -8.34 -16.38 19.25
O3P FTY C 5 -8.55 -17.13 16.92
N LEU C 6 -1.98 -23.79 15.65
CA LEU C 6 -2.29 -24.86 16.58
C LEU C 6 -1.09 -25.76 16.83
N NH2 C 7 -1.24 -26.71 17.74
N ASP D 1 -23.07 14.06 -1.68
CA ASP D 1 -21.72 14.59 -1.36
C ASP D 1 -20.79 13.47 -0.93
N ALA D 2 -19.49 13.63 -1.19
CA ALA D 2 -18.49 12.62 -0.83
C ALA D 2 -18.47 12.26 0.65
N ASP D 3 -18.76 13.23 1.52
CA ASP D 3 -18.74 12.96 2.96
C ASP D 3 -20.11 12.98 3.60
N GLU D 4 -21.16 12.73 2.82
CA GLU D 4 -22.51 12.75 3.38
C GLU D 4 -22.76 11.69 4.45
N FTY D 5 -21.96 10.64 4.47
CA FTY D 5 -22.17 9.59 5.45
C FTY D 5 -21.40 9.86 6.75
O FTY D 5 -21.46 9.07 7.69
CB FTY D 5 -21.77 8.22 4.89
CG FTY D 5 -22.73 7.73 3.81
CD1 FTY D 5 -24.10 7.61 4.06
CD2 FTY D 5 -22.25 7.38 2.55
CE1 FTY D 5 -24.98 7.16 3.06
CE2 FTY D 5 -23.12 6.93 1.55
CZ FTY D 5 -24.49 6.81 1.81
C1 FTY D 5 -25.29 6.34 0.76
F1 FTY D 5 -25.10 7.18 -0.32
F2 FTY D 5 -26.62 6.36 1.21
P FTY D 5 -25.07 4.54 0.00
O1P FTY D 5 -23.93 4.61 -0.95
O2P FTY D 5 -26.30 4.14 -0.73
O3P FTY D 5 -24.73 3.55 1.06
N LEU D 6 -20.72 11.01 6.81
CA LEU D 6 -20.00 11.39 8.02
C LEU D 6 -20.92 12.16 8.94
N NH2 D 7 -20.51 12.32 10.21
N ASP E 3 -3.67 9.98 -21.32
CA ASP E 3 -3.43 9.09 -22.49
C ASP E 3 -2.20 9.53 -23.26
N GLU E 4 -2.21 10.76 -23.75
CA GLU E 4 -1.07 11.31 -24.49
C GLU E 4 -0.50 12.53 -23.77
N FTY E 5 0.83 12.63 -23.77
CA FTY E 5 1.51 13.73 -23.09
C FTY E 5 1.85 14.85 -24.07
O FTY E 5 2.41 15.88 -23.68
CB FTY E 5 2.80 13.18 -22.47
CG FTY E 5 3.73 14.18 -21.81
CD1 FTY E 5 4.91 14.58 -22.42
CD2 FTY E 5 3.42 14.71 -20.56
CE1 FTY E 5 5.78 15.49 -21.81
CE2 FTY E 5 4.27 15.62 -19.93
CZ FTY E 5 5.46 16.02 -20.55
C1 FTY E 5 6.31 16.92 -19.90
F1 FTY E 5 5.54 17.88 -19.29
F2 FTY E 5 7.15 17.46 -20.86
P FTY E 5 7.57 16.35 -18.48
O1P FTY E 5 6.77 15.83 -17.33
O2P FTY E 5 8.37 17.51 -18.01
O3P FTY E 5 8.45 15.25 -18.95
N LEU E 6 1.58 14.62 -25.34
CA LEU E 6 1.88 15.61 -26.38
C LEU E 6 0.63 15.97 -27.16
N NH2 E 7 0.67 17.11 -27.86
N ASP F 1 23.41 -5.95 10.28
CA ASP F 1 22.09 -5.65 10.90
C ASP F 1 21.13 -5.12 9.84
N ALA F 2 19.83 -5.33 10.05
CA ALA F 2 18.82 -4.88 9.09
C ALA F 2 18.83 -3.37 8.83
N ASP F 3 19.21 -2.58 9.82
CA ASP F 3 19.24 -1.13 9.65
C ASP F 3 20.64 -0.55 9.64
N GLU F 4 21.63 -1.36 9.32
CA GLU F 4 23.00 -0.87 9.31
C GLU F 4 23.27 0.25 8.32
N FTY F 5 22.43 0.39 7.30
CA FTY F 5 22.64 1.43 6.30
C FTY F 5 21.97 2.76 6.69
O FTY F 5 22.05 3.75 5.96
CB FTY F 5 22.17 0.98 4.92
CG FTY F 5 23.04 -0.11 4.32
CD1 FTY F 5 24.43 0.07 4.17
CD2 FTY F 5 22.49 -1.30 3.88
CE1 FTY F 5 25.23 -0.94 3.62
CE2 FTY F 5 23.28 -2.31 3.33
CZ FTY F 5 24.65 -2.12 3.19
C1 FTY F 5 25.38 -3.17 2.61
F1 FTY F 5 25.14 -4.30 3.39
F2 FTY F 5 26.73 -2.81 2.61
P FTY F 5 25.04 -3.81 0.77
O1P FTY F 5 23.88 -4.70 0.82
O2P FTY F 5 26.23 -4.54 0.28
O3P FTY F 5 24.72 -2.66 -0.13
N LEU F 6 21.31 2.76 7.85
CA LEU F 6 20.67 3.97 8.35
C LEU F 6 21.67 4.81 9.14
N NH2 F 7 21.36 6.08 9.34
#